data_4TZQ
#
_entry.id   4TZQ
#
_cell.length_a   53.073
_cell.length_b   66.400
_cell.length_c   84.130
_cell.angle_alpha   90.00
_cell.angle_beta   105.58
_cell.angle_gamma   90.00
#
_symmetry.space_group_name_H-M   'P 1 21 1'
#
loop_
_entity.id
_entity.type
_entity.pdbx_description
1 polymer 'Protein HTP-1'
2 polymer 'Protein HTP-3'
3 water water
#
loop_
_entity_poly.entity_id
_entity_poly.type
_entity_poly.pdbx_seq_one_letter_code
_entity_poly.pdbx_strand_id
1 'polypeptide(L)'
;MAPLETIYDESLNKSADSIDDKKWSKLFPRIVSDPDRSSNFMTRAIYVAFSAVLRNRNILGQEYFTKNYITEKLKCMTLC
FRNLRSNQIAQLLRNAGDATKDGFLKEVSLVITNNEGDLEAIEVFSMKFIYFENGGVVARLSTDKNGQEDPHFAKLAQLV
YEGGDSVRDQMVTIVRSVQFLCTKVLEPLPEEFTANFRLEYTNDAPSNFRIDGFEDSSTFYTLPDDIQSATIGHLRPGCH
AANMECWSMLMSD
;
A,C
2 'polypeptide(L)' STARYGVSNTSINRKKP B,D
#
# COMPACT_ATOMS: atom_id res chain seq x y z
N ASP A 17 -30.17 -23.14 -19.22
CA ASP A 17 -29.84 -21.82 -18.72
C ASP A 17 -28.35 -21.53 -18.92
N SER A 18 -27.98 -21.21 -20.15
CA SER A 18 -26.62 -20.83 -20.48
C SER A 18 -26.63 -19.79 -21.60
N ILE A 19 -25.55 -19.00 -21.67
CA ILE A 19 -25.44 -17.98 -22.70
C ILE A 19 -24.66 -18.52 -23.89
N ASP A 20 -25.37 -18.74 -24.99
CA ASP A 20 -24.83 -19.45 -26.15
C ASP A 20 -24.23 -18.52 -27.20
N ASP A 21 -24.20 -17.23 -26.91
CA ASP A 21 -23.60 -16.26 -27.84
C ASP A 21 -22.12 -16.58 -28.03
N LYS A 22 -21.72 -16.75 -29.28
CA LYS A 22 -20.36 -17.14 -29.63
C LYS A 22 -19.30 -16.14 -29.18
N LYS A 23 -19.67 -14.86 -29.15
CA LYS A 23 -18.75 -13.81 -28.75
C LYS A 23 -18.66 -13.68 -27.24
N TRP A 24 -19.77 -13.95 -26.56
CA TRP A 24 -19.88 -13.78 -25.12
C TRP A 24 -18.87 -14.62 -24.34
N SER A 25 -18.50 -15.77 -24.90
CA SER A 25 -17.66 -16.73 -24.17
C SER A 25 -16.23 -16.27 -23.99
N LYS A 26 -15.77 -15.33 -24.82
CA LYS A 26 -14.40 -14.86 -24.74
C LYS A 26 -14.14 -14.07 -23.47
N LEU A 27 -15.03 -13.12 -23.18
CA LEU A 27 -14.87 -12.25 -22.03
C LEU A 27 -15.62 -12.76 -20.81
N PHE A 28 -16.75 -13.44 -21.03
CA PHE A 28 -17.64 -13.79 -19.93
C PHE A 28 -17.88 -15.29 -19.79
N PRO A 29 -18.30 -15.72 -18.58
CA PRO A 29 -18.73 -17.10 -18.37
C PRO A 29 -20.07 -17.37 -19.06
N ARG A 30 -20.28 -18.60 -19.51
CA ARG A 30 -21.52 -18.95 -20.20
C ARG A 30 -22.67 -19.19 -19.22
N ILE A 31 -22.33 -19.58 -18.00
CA ILE A 31 -23.34 -19.81 -16.97
C ILE A 31 -23.04 -18.96 -15.74
N VAL A 32 -24.05 -18.25 -15.24
CA VAL A 32 -23.86 -17.30 -14.16
C VAL A 32 -24.76 -17.57 -12.96
N SER A 33 -25.37 -18.75 -12.91
CA SER A 33 -26.31 -19.08 -11.84
C SER A 33 -25.61 -19.39 -10.51
N ASP A 34 -24.66 -20.31 -10.54
CA ASP A 34 -23.90 -20.70 -9.35
C ASP A 34 -23.08 -19.51 -8.80
N PRO A 35 -22.84 -19.50 -7.47
CA PRO A 35 -22.17 -18.39 -6.79
C PRO A 35 -20.76 -18.05 -7.31
N ASP A 36 -19.93 -19.06 -7.53
CA ASP A 36 -18.58 -18.84 -8.02
C ASP A 36 -18.58 -18.08 -9.35
N ARG A 37 -19.37 -18.57 -10.30
CA ARG A 37 -19.45 -17.96 -11.63
C ARG A 37 -20.25 -16.66 -11.60
N SER A 38 -21.26 -16.60 -10.74
CA SER A 38 -22.00 -15.36 -10.51
C SER A 38 -21.05 -14.25 -10.07
N SER A 39 -20.13 -14.57 -9.18
CA SER A 39 -19.16 -13.61 -8.68
C SER A 39 -18.13 -13.26 -9.74
N ASN A 40 -17.65 -14.27 -10.46
CA ASN A 40 -16.65 -14.05 -11.47
C ASN A 40 -17.20 -13.20 -12.62
N PHE A 41 -18.46 -13.42 -12.96
CA PHE A 41 -19.13 -12.59 -13.95
C PHE A 41 -19.13 -11.14 -13.52
N MET A 42 -19.41 -10.92 -12.24
CA MET A 42 -19.43 -9.57 -11.70
C MET A 42 -18.05 -8.92 -11.88
N THR A 43 -17.01 -9.70 -11.63
CA THR A 43 -15.63 -9.24 -11.81
C THR A 43 -15.38 -8.80 -13.25
N ARG A 44 -15.83 -9.62 -14.20
CA ARG A 44 -15.65 -9.33 -15.62
C ARG A 44 -16.49 -8.13 -16.03
N ALA A 45 -17.69 -8.06 -15.46
CA ALA A 45 -18.61 -6.95 -15.67
C ALA A 45 -17.94 -5.62 -15.34
N ILE A 46 -17.35 -5.57 -14.15
CA ILE A 46 -16.60 -4.39 -13.71
C ILE A 46 -15.49 -4.00 -14.68
N TYR A 47 -14.76 -5.00 -15.16
CA TYR A 47 -13.68 -4.80 -16.12
C TYR A 47 -14.18 -4.15 -17.41
N VAL A 48 -15.22 -4.72 -18.00
CA VAL A 48 -15.74 -4.23 -19.28
C VAL A 48 -16.47 -2.89 -19.14
N ALA A 49 -17.23 -2.73 -18.07
CA ALA A 49 -17.98 -1.49 -17.83
C ALA A 49 -17.08 -0.27 -17.66
N PHE A 50 -16.09 -0.39 -16.79
CA PHE A 50 -15.17 0.71 -16.54
C PHE A 50 -14.23 0.92 -17.71
N SER A 51 -14.03 -0.14 -18.51
CA SER A 51 -13.29 -0.03 -19.75
C SER A 51 -14.05 0.89 -20.71
N ALA A 52 -15.35 0.66 -20.83
CA ALA A 52 -16.19 1.49 -21.67
C ALA A 52 -16.18 2.95 -21.21
N VAL A 53 -16.23 3.15 -19.90
CA VAL A 53 -16.25 4.50 -19.32
C VAL A 53 -14.93 5.22 -19.56
N LEU A 54 -13.82 4.55 -19.28
CA LEU A 54 -12.50 5.14 -19.45
C LEU A 54 -12.22 5.51 -20.90
N ARG A 55 -12.67 4.68 -21.83
CA ARG A 55 -12.43 4.93 -23.25
C ARG A 55 -13.39 5.97 -23.83
N ASN A 56 -14.69 5.77 -23.61
CA ASN A 56 -15.69 6.65 -24.22
C ASN A 56 -15.71 8.05 -23.63
N ARG A 57 -15.18 8.22 -22.42
CA ARG A 57 -15.10 9.55 -21.81
C ARG A 57 -13.78 10.19 -22.20
N ASN A 58 -12.93 9.38 -22.84
CA ASN A 58 -11.58 9.76 -23.25
C ASN A 58 -10.70 10.13 -22.07
N ILE A 59 -10.74 9.32 -21.02
CA ILE A 59 -9.82 9.50 -19.90
C ILE A 59 -8.51 8.85 -20.27
N LEU A 60 -8.59 7.78 -21.05
CA LEU A 60 -7.42 7.11 -21.60
C LEU A 60 -7.54 6.95 -23.11
N GLY A 61 -6.43 7.11 -23.81
CA GLY A 61 -6.40 6.96 -25.25
C GLY A 61 -6.70 5.55 -25.71
N GLN A 62 -6.95 5.39 -27.00
CA GLN A 62 -7.32 4.10 -27.57
C GLN A 62 -6.21 3.07 -27.41
N GLU A 63 -4.96 3.53 -27.38
CA GLU A 63 -3.81 2.63 -27.33
C GLU A 63 -3.76 1.80 -26.05
N TYR A 64 -4.53 2.21 -25.04
CA TYR A 64 -4.61 1.45 -23.80
C TYR A 64 -5.71 0.39 -23.86
N PHE A 65 -6.33 0.25 -25.01
CA PHE A 65 -7.47 -0.65 -25.12
C PHE A 65 -7.32 -1.70 -26.22
N THR A 66 -8.08 -2.79 -26.07
CA THR A 66 -8.17 -3.82 -27.09
C THR A 66 -9.63 -3.93 -27.54
N LYS A 67 -9.86 -3.96 -28.85
CA LYS A 67 -11.24 -4.10 -29.33
C LYS A 67 -11.74 -5.53 -29.09
N ASN A 68 -12.94 -5.62 -28.53
CA ASN A 68 -13.53 -6.92 -28.18
C ASN A 68 -14.98 -7.02 -28.62
N TYR A 69 -15.50 -8.24 -28.57
CA TYR A 69 -16.94 -8.46 -28.72
C TYR A 69 -17.53 -8.77 -27.36
N ILE A 70 -18.60 -8.09 -27.00
CA ILE A 70 -19.39 -8.51 -25.86
C ILE A 70 -20.39 -9.56 -26.33
N THR A 71 -21.05 -9.25 -27.46
CA THR A 71 -21.91 -10.22 -28.13
C THR A 71 -21.70 -10.15 -29.64
N GLU A 72 -22.51 -10.92 -30.37
CA GLU A 72 -22.48 -10.93 -31.82
C GLU A 72 -22.94 -9.59 -32.41
N LYS A 73 -23.64 -8.81 -31.60
CA LYS A 73 -24.23 -7.55 -32.07
C LYS A 73 -23.56 -6.31 -31.47
N LEU A 74 -22.71 -6.51 -30.47
CA LEU A 74 -22.10 -5.36 -29.79
C LEU A 74 -20.59 -5.53 -29.57
N LYS A 75 -19.83 -4.52 -30.01
CA LYS A 75 -18.40 -4.47 -29.74
C LYS A 75 -18.09 -3.41 -28.69
N CYS A 76 -17.00 -3.62 -27.97
CA CYS A 76 -16.57 -2.69 -26.95
C CYS A 76 -15.06 -2.76 -26.72
N MET A 77 -14.45 -1.60 -26.51
CA MET A 77 -13.05 -1.51 -26.16
C MET A 77 -12.85 -1.89 -24.71
N THR A 78 -11.85 -2.72 -24.44
CA THR A 78 -11.55 -3.13 -23.07
C THR A 78 -10.08 -2.89 -22.74
N LEU A 79 -9.79 -2.69 -21.45
CA LEU A 79 -8.43 -2.38 -21.00
C LEU A 79 -7.44 -3.45 -21.46
N CYS A 80 -6.36 -3.00 -22.11
CA CYS A 80 -5.39 -3.90 -22.71
C CYS A 80 -4.50 -4.56 -21.67
N PHE A 81 -4.45 -5.89 -21.71
CA PHE A 81 -3.64 -6.65 -20.77
C PHE A 81 -2.18 -6.66 -21.18
N ARG A 82 -1.90 -6.20 -22.40
CA ARG A 82 -0.54 -6.21 -22.94
C ARG A 82 0.14 -4.85 -22.85
N ASN A 83 -0.53 -3.90 -22.22
CA ASN A 83 0.07 -2.60 -21.91
C ASN A 83 0.19 -2.42 -20.41
N LEU A 84 1.37 -2.00 -19.95
CA LEU A 84 1.66 -1.89 -18.52
C LEU A 84 0.67 -1.01 -17.76
N ARG A 85 0.43 0.19 -18.25
CA ARG A 85 -0.43 1.14 -17.56
C ARG A 85 -1.87 0.64 -17.47
N SER A 86 -2.37 0.09 -18.58
CA SER A 86 -3.74 -0.40 -18.63
C SER A 86 -3.89 -1.72 -17.88
N ASN A 87 -2.83 -2.52 -17.85
CA ASN A 87 -2.87 -3.79 -17.14
C ASN A 87 -2.96 -3.57 -15.64
N GLN A 88 -2.29 -2.53 -15.16
CA GLN A 88 -2.34 -2.14 -13.75
C GLN A 88 -3.77 -1.85 -13.31
N ILE A 89 -4.47 -1.05 -14.11
CA ILE A 89 -5.85 -0.67 -13.80
C ILE A 89 -6.76 -1.89 -13.80
N ALA A 90 -6.62 -2.73 -14.84
CA ALA A 90 -7.40 -3.95 -14.96
C ALA A 90 -7.19 -4.89 -13.77
N GLN A 91 -5.94 -5.02 -13.34
CA GLN A 91 -5.61 -5.88 -12.20
C GLN A 91 -6.28 -5.37 -10.93
N LEU A 92 -6.20 -4.06 -10.76
CA LEU A 92 -6.79 -3.36 -9.63
C LEU A 92 -8.30 -3.54 -9.58
N LEU A 93 -8.93 -3.45 -10.75
CA LEU A 93 -10.36 -3.68 -10.88
C LEU A 93 -10.71 -5.14 -10.61
N ARG A 94 -9.81 -6.04 -11.00
CA ARG A 94 -10.02 -7.47 -10.80
C ARG A 94 -9.92 -7.84 -9.32
N ASN A 95 -9.00 -7.19 -8.62
CA ASN A 95 -8.86 -7.37 -7.17
C ASN A 95 -10.17 -7.00 -6.46
N ALA A 96 -10.80 -5.93 -6.95
CA ALA A 96 -12.08 -5.49 -6.39
C ALA A 96 -13.18 -6.53 -6.66
N GLY A 97 -13.15 -7.10 -7.85
CA GLY A 97 -14.12 -8.10 -8.26
C GLY A 97 -14.07 -9.35 -7.41
N ASP A 98 -12.86 -9.79 -7.07
CA ASP A 98 -12.68 -10.97 -6.24
C ASP A 98 -13.32 -10.79 -4.85
N ALA A 99 -13.52 -9.54 -4.44
CA ALA A 99 -14.13 -9.27 -3.15
C ALA A 99 -15.62 -9.63 -3.14
N THR A 100 -16.22 -9.79 -4.33
CA THR A 100 -17.64 -10.11 -4.44
C THR A 100 -17.92 -11.57 -4.07
N LYS A 101 -16.89 -12.39 -4.06
CA LYS A 101 -17.02 -13.81 -3.73
C LYS A 101 -17.55 -14.01 -2.31
N ASP A 102 -16.93 -13.31 -1.35
CA ASP A 102 -17.32 -13.42 0.05
C ASP A 102 -18.33 -12.34 0.43
N GLY A 103 -18.52 -11.37 -0.47
CA GLY A 103 -19.49 -10.31 -0.25
C GLY A 103 -18.94 -9.15 0.56
N PHE A 104 -17.68 -8.81 0.30
CA PHE A 104 -16.98 -7.78 1.07
C PHE A 104 -16.93 -6.42 0.36
N LEU A 105 -17.51 -6.34 -0.84
CA LEU A 105 -17.43 -5.12 -1.64
C LEU A 105 -18.79 -4.44 -1.76
N LYS A 106 -18.98 -3.36 -1.01
CA LYS A 106 -20.18 -2.55 -1.18
C LYS A 106 -20.26 -1.71 -2.45
N GLU A 107 -19.17 -1.04 -2.79
CA GLU A 107 -19.17 -0.13 -3.92
C GLU A 107 -17.76 0.05 -4.49
N VAL A 108 -17.65 0.06 -5.82
CA VAL A 108 -16.40 0.44 -6.47
C VAL A 108 -16.74 1.53 -7.49
N SER A 109 -15.94 2.60 -7.50
CA SER A 109 -16.27 3.77 -8.31
C SER A 109 -15.04 4.50 -8.86
N LEU A 110 -15.17 5.01 -10.08
CA LEU A 110 -14.16 5.89 -10.65
C LEU A 110 -14.50 7.33 -10.28
N VAL A 111 -13.59 7.99 -9.58
CA VAL A 111 -13.86 9.32 -9.05
C VAL A 111 -13.01 10.40 -9.71
N ILE A 112 -13.67 11.36 -10.35
CA ILE A 112 -12.99 12.45 -11.04
C ILE A 112 -13.12 13.76 -10.26
N THR A 113 -11.98 14.39 -9.99
CA THR A 113 -11.95 15.63 -9.22
C THR A 113 -11.14 16.70 -9.95
N ASN A 114 -11.26 17.95 -9.50
CA ASN A 114 -10.43 19.02 -10.03
C ASN A 114 -8.98 18.81 -9.64
N ASN A 115 -8.77 18.46 -8.37
CA ASN A 115 -7.43 18.22 -7.87
C ASN A 115 -7.30 16.86 -7.21
N GLU A 116 -6.09 16.30 -7.25
CA GLU A 116 -5.81 15.02 -6.61
C GLU A 116 -6.08 15.08 -5.11
N GLY A 117 -6.86 14.12 -4.63
CA GLY A 117 -7.09 13.99 -3.20
C GLY A 117 -8.33 14.73 -2.70
N ASP A 118 -8.99 15.47 -3.59
CA ASP A 118 -10.22 16.17 -3.24
C ASP A 118 -11.30 15.21 -2.75
N LEU A 119 -12.04 15.64 -1.73
CA LEU A 119 -13.14 14.83 -1.21
C LEU A 119 -14.34 14.88 -2.15
N GLU A 120 -14.58 16.06 -2.70
CA GLU A 120 -15.78 16.31 -3.50
C GLU A 120 -15.52 16.13 -4.99
N ALA A 121 -16.33 15.28 -5.62
CA ALA A 121 -16.08 14.88 -7.00
C ALA A 121 -16.76 15.79 -8.01
N ILE A 122 -16.18 15.87 -9.20
CA ILE A 122 -16.81 16.55 -10.32
C ILE A 122 -17.74 15.57 -11.02
N GLU A 123 -17.27 14.32 -11.08
CA GLU A 123 -17.97 13.26 -11.80
C GLU A 123 -17.65 11.90 -11.20
N VAL A 124 -18.67 11.05 -11.10
CA VAL A 124 -18.51 9.69 -10.57
C VAL A 124 -19.23 8.65 -11.42
N PHE A 125 -18.54 7.54 -11.69
CA PHE A 125 -19.18 6.36 -12.25
C PHE A 125 -19.15 5.25 -11.21
N SER A 126 -20.32 4.98 -10.62
CA SER A 126 -20.40 4.12 -9.45
C SER A 126 -21.07 2.78 -9.72
N MET A 127 -20.49 1.71 -9.22
CA MET A 127 -21.16 0.41 -9.21
C MET A 127 -21.34 -0.02 -7.76
N LYS A 128 -22.57 -0.28 -7.37
CA LYS A 128 -22.89 -0.65 -6.00
C LYS A 128 -23.51 -2.05 -5.92
N PHE A 129 -23.09 -2.82 -4.93
CA PHE A 129 -23.41 -4.24 -4.89
C PHE A 129 -24.29 -4.66 -3.72
N ILE A 130 -25.04 -5.74 -3.94
CA ILE A 130 -25.83 -6.36 -2.89
C ILE A 130 -25.59 -7.86 -2.99
N TYR A 131 -25.76 -8.59 -1.89
CA TYR A 131 -25.45 -10.01 -1.88
C TYR A 131 -26.61 -10.86 -1.39
N PHE A 132 -26.65 -12.10 -1.86
CA PHE A 132 -27.73 -13.00 -1.52
C PHE A 132 -27.22 -14.19 -0.73
N GLU A 133 -28.01 -14.61 0.26
CA GLU A 133 -27.71 -15.81 1.00
C GLU A 133 -27.89 -17.03 0.11
N ASN A 134 -27.52 -18.21 0.61
CA ASN A 134 -27.53 -19.44 -0.17
C ASN A 134 -28.88 -19.73 -0.83
N GLY A 135 -28.87 -19.87 -2.15
CA GLY A 135 -30.09 -20.07 -2.91
C GLY A 135 -30.28 -18.94 -3.90
N GLY A 136 -29.77 -17.76 -3.53
CA GLY A 136 -29.75 -16.61 -4.42
C GLY A 136 -31.09 -15.90 -4.56
N VAL A 137 -31.93 -16.02 -3.56
CA VAL A 137 -33.26 -15.41 -3.61
C VAL A 137 -33.47 -14.41 -2.48
N VAL A 138 -32.82 -14.63 -1.33
CA VAL A 138 -32.95 -13.74 -0.19
C VAL A 138 -31.76 -12.78 -0.07
N ALA A 139 -32.05 -11.48 -0.15
CA ALA A 139 -31.02 -10.45 -0.12
C ALA A 139 -30.44 -10.28 1.28
N ARG A 140 -29.12 -10.23 1.36
CA ARG A 140 -28.41 -9.96 2.62
C ARG A 140 -28.53 -8.48 2.95
N LEU A 141 -28.75 -8.18 4.22
CA LEU A 141 -28.96 -6.81 4.67
C LEU A 141 -27.69 -5.96 4.53
N SER A 142 -27.85 -4.77 3.96
CA SER A 142 -26.73 -3.86 3.74
C SER A 142 -27.09 -2.46 4.24
N THR A 143 -26.40 -1.99 5.28
CA THR A 143 -26.74 -0.72 5.91
C THR A 143 -25.55 0.21 6.08
N ASP A 144 -25.80 1.37 6.69
CA ASP A 144 -24.74 2.34 6.98
C ASP A 144 -23.86 1.86 8.12
N GLN A 148 -28.93 2.53 8.73
CA GLN A 148 -29.94 2.84 7.73
C GLN A 148 -29.72 2.04 6.46
N GLU A 149 -30.81 1.54 5.88
CA GLU A 149 -30.78 0.79 4.62
C GLU A 149 -29.98 1.53 3.55
N ASP A 150 -29.00 0.86 2.97
CA ASP A 150 -28.23 1.42 1.87
C ASP A 150 -29.17 1.80 0.74
N PRO A 151 -29.01 3.04 0.22
CA PRO A 151 -29.89 3.56 -0.85
C PRO A 151 -30.05 2.62 -2.05
N HIS A 152 -29.06 1.81 -2.36
CA HIS A 152 -29.12 0.96 -3.54
C HIS A 152 -29.73 -0.42 -3.25
N PHE A 153 -30.00 -0.71 -1.98
CA PHE A 153 -30.45 -2.04 -1.56
C PHE A 153 -31.81 -2.43 -2.14
N ALA A 154 -32.78 -1.52 -2.05
CA ALA A 154 -34.17 -1.85 -2.31
C ALA A 154 -34.45 -2.26 -3.76
N LYS A 155 -33.99 -1.46 -4.72
CA LYS A 155 -34.20 -1.77 -6.13
C LYS A 155 -33.59 -3.13 -6.48
N LEU A 156 -32.36 -3.35 -6.04
CA LEU A 156 -31.65 -4.58 -6.35
C LEU A 156 -32.22 -5.80 -5.64
N ALA A 157 -32.71 -5.60 -4.41
CA ALA A 157 -33.25 -6.71 -3.62
C ALA A 157 -34.55 -7.23 -4.22
N GLN A 158 -35.32 -6.32 -4.82
CA GLN A 158 -36.58 -6.67 -5.46
C GLN A 158 -36.35 -7.54 -6.70
N LEU A 159 -35.16 -7.40 -7.28
CA LEU A 159 -34.83 -8.09 -8.53
C LEU A 159 -34.76 -9.61 -8.37
N VAL A 160 -35.11 -10.31 -9.44
CA VAL A 160 -35.01 -11.75 -9.50
C VAL A 160 -34.09 -12.15 -10.66
N TYR A 161 -33.30 -13.20 -10.47
CA TYR A 161 -32.46 -13.74 -11.55
C TYR A 161 -33.35 -14.40 -12.59
N GLU A 162 -33.40 -13.82 -13.79
CA GLU A 162 -34.33 -14.29 -14.83
C GLU A 162 -33.63 -15.09 -15.93
N GLY A 163 -32.51 -15.71 -15.59
CA GLY A 163 -31.79 -16.53 -16.53
C GLY A 163 -30.61 -15.83 -17.19
N GLY A 164 -29.74 -16.62 -17.81
CA GLY A 164 -28.50 -16.11 -18.39
C GLY A 164 -28.62 -15.05 -19.46
N ASP A 165 -29.58 -15.20 -20.37
CA ASP A 165 -29.72 -14.25 -21.48
C ASP A 165 -30.15 -12.87 -21.01
N SER A 166 -30.89 -12.81 -19.91
CA SER A 166 -31.28 -11.53 -19.33
C SER A 166 -30.04 -10.81 -18.82
N VAL A 167 -29.13 -11.59 -18.25
CA VAL A 167 -27.86 -11.08 -17.75
C VAL A 167 -27.02 -10.52 -18.90
N ARG A 168 -26.98 -11.24 -20.02
CA ARG A 168 -26.30 -10.77 -21.22
C ARG A 168 -26.89 -9.44 -21.70
N ASP A 169 -28.22 -9.40 -21.76
CA ASP A 169 -28.93 -8.20 -22.19
C ASP A 169 -28.70 -7.04 -21.21
N GLN A 170 -28.56 -7.38 -19.94
CA GLN A 170 -28.25 -6.36 -18.94
C GLN A 170 -26.88 -5.76 -19.19
N MET A 171 -25.90 -6.60 -19.49
CA MET A 171 -24.56 -6.15 -19.80
C MET A 171 -24.53 -5.30 -21.05
N VAL A 172 -25.31 -5.68 -22.04
CA VAL A 172 -25.36 -4.97 -23.31
C VAL A 172 -25.99 -3.59 -23.09
N THR A 173 -27.01 -3.55 -22.23
CA THR A 173 -27.65 -2.28 -21.88
C THR A 173 -26.66 -1.31 -21.25
N ILE A 174 -25.86 -1.82 -20.31
CA ILE A 174 -24.90 -0.99 -19.59
C ILE A 174 -23.86 -0.40 -20.53
N VAL A 175 -23.36 -1.22 -21.45
CA VAL A 175 -22.34 -0.77 -22.39
C VAL A 175 -22.88 0.28 -23.36
N ARG A 176 -24.08 0.03 -23.88
CA ARG A 176 -24.72 0.99 -24.78
C ARG A 176 -25.03 2.29 -24.05
N SER A 177 -25.41 2.17 -22.77
CA SER A 177 -25.73 3.33 -21.95
C SER A 177 -24.51 4.21 -21.70
N VAL A 178 -23.38 3.57 -21.40
CA VAL A 178 -22.13 4.29 -21.19
C VAL A 178 -21.75 5.04 -22.46
N GLN A 179 -21.90 4.37 -23.60
CA GLN A 179 -21.66 5.00 -24.89
C GLN A 179 -22.60 6.17 -25.11
N PHE A 180 -23.87 5.99 -24.77
CA PHE A 180 -24.88 7.03 -24.94
C PHE A 180 -24.59 8.27 -24.09
N LEU A 181 -24.29 8.06 -22.81
CA LEU A 181 -24.01 9.16 -21.90
C LEU A 181 -22.82 9.99 -22.35
N CYS A 182 -21.75 9.32 -22.78
CA CYS A 182 -20.52 10.01 -23.15
C CYS A 182 -20.63 10.75 -24.47
N THR A 183 -21.40 10.20 -25.41
CA THR A 183 -21.51 10.79 -26.74
C THR A 183 -22.53 11.92 -26.81
N LYS A 184 -23.63 11.78 -26.06
CA LYS A 184 -24.76 12.69 -26.24
C LYS A 184 -25.10 13.54 -25.01
N VAL A 185 -24.85 13.03 -23.82
CA VAL A 185 -25.33 13.71 -22.60
C VAL A 185 -24.24 14.48 -21.84
N LEU A 186 -23.10 13.85 -21.60
CA LEU A 186 -22.05 14.46 -20.78
C LEU A 186 -21.26 15.53 -21.53
N GLU A 187 -21.16 16.71 -20.92
CA GLU A 187 -20.38 17.81 -21.46
C GLU A 187 -18.89 17.49 -21.33
N PRO A 188 -18.03 18.17 -22.11
CA PRO A 188 -16.60 17.82 -22.09
C PRO A 188 -15.95 18.09 -20.73
N LEU A 189 -15.07 17.18 -20.32
CA LEU A 189 -14.36 17.29 -19.07
C LEU A 189 -13.43 18.50 -19.07
N PRO A 190 -13.06 19.00 -17.87
CA PRO A 190 -12.16 20.16 -17.81
C PRO A 190 -10.77 19.79 -18.32
N GLU A 191 -9.99 20.78 -18.69
CA GLU A 191 -8.65 20.55 -19.22
C GLU A 191 -7.76 19.84 -18.19
N GLU A 192 -7.92 20.20 -16.93
CA GLU A 192 -7.17 19.55 -15.86
C GLU A 192 -8.10 18.84 -14.89
N PHE A 193 -7.74 17.60 -14.54
CA PHE A 193 -8.50 16.83 -13.57
C PHE A 193 -7.67 15.65 -13.04
N THR A 194 -8.18 14.99 -12.01
CA THR A 194 -7.54 13.81 -11.45
C THR A 194 -8.57 12.70 -11.27
N ALA A 195 -8.24 11.52 -11.76
CA ALA A 195 -9.18 10.39 -11.70
C ALA A 195 -8.56 9.19 -10.99
N ASN A 196 -9.29 8.65 -10.02
CA ASN A 196 -8.87 7.44 -9.34
C ASN A 196 -10.06 6.55 -8.99
N PHE A 197 -9.75 5.36 -8.45
CA PHE A 197 -10.78 4.44 -8.02
C PHE A 197 -10.91 4.43 -6.51
N ARG A 198 -12.13 4.60 -6.03
CA ARG A 198 -12.40 4.60 -4.59
C ARG A 198 -13.50 3.58 -4.27
N LEU A 199 -13.30 2.81 -3.20
CA LEU A 199 -14.27 1.77 -2.85
C LEU A 199 -14.70 1.79 -1.39
N GLU A 200 -15.77 1.06 -1.10
CA GLU A 200 -16.25 0.90 0.26
C GLU A 200 -16.51 -0.57 0.56
N TYR A 201 -16.20 -1.00 1.78
CA TYR A 201 -16.43 -2.37 2.21
C TYR A 201 -17.81 -2.53 2.83
N THR A 202 -18.30 -3.78 2.91
CA THR A 202 -19.54 -4.08 3.59
C THR A 202 -19.32 -4.12 5.10
N ASN A 203 -20.40 -4.27 5.87
CA ASN A 203 -20.28 -4.41 7.31
C ASN A 203 -19.64 -5.74 7.67
N ASP A 204 -20.02 -6.77 6.90
CA ASP A 204 -19.54 -8.14 7.12
C ASP A 204 -18.04 -8.26 6.98
N ALA A 205 -17.46 -7.41 6.12
CA ALA A 205 -16.04 -7.43 5.84
C ALA A 205 -15.23 -7.33 7.13
N PRO A 206 -14.30 -8.28 7.33
CA PRO A 206 -13.39 -8.22 8.49
C PRO A 206 -12.48 -7.00 8.41
N SER A 207 -12.00 -6.54 9.56
CA SER A 207 -11.06 -5.42 9.58
C SER A 207 -9.76 -5.80 8.88
N ASN A 208 -9.38 -7.06 9.02
CA ASN A 208 -8.12 -7.53 8.44
C ASN A 208 -8.17 -7.61 6.92
N PHE A 209 -9.33 -7.97 6.36
CA PHE A 209 -9.46 -8.11 4.91
C PHE A 209 -9.31 -6.77 4.21
N ARG A 210 -8.54 -6.80 3.12
CA ARG A 210 -8.25 -5.60 2.35
C ARG A 210 -8.05 -5.98 0.89
N ILE A 211 -8.67 -5.21 0.00
CA ILE A 211 -8.51 -5.44 -1.42
C ILE A 211 -7.14 -4.93 -1.87
N ASP A 212 -6.34 -5.84 -2.41
CA ASP A 212 -5.02 -5.50 -2.92
C ASP A 212 -5.12 -4.38 -3.95
N GLY A 213 -4.32 -3.34 -3.75
CA GLY A 213 -4.31 -2.20 -4.65
C GLY A 213 -5.00 -0.96 -4.09
N PHE A 214 -5.75 -1.15 -3.02
CA PHE A 214 -6.47 -0.04 -2.39
C PHE A 214 -6.02 0.18 -0.95
N GLU A 215 -5.47 1.37 -0.68
CA GLU A 215 -5.07 1.74 0.67
C GLU A 215 -6.27 2.11 1.51
N ASP A 216 -6.26 1.70 2.78
CA ASP A 216 -7.36 1.99 3.70
C ASP A 216 -7.52 3.49 3.91
N SER A 217 -8.77 3.93 4.00
CA SER A 217 -9.08 5.32 4.22
C SER A 217 -10.42 5.48 4.95
N SER A 218 -10.53 6.54 5.74
CA SER A 218 -11.77 6.81 6.45
C SER A 218 -12.63 7.82 5.70
N THR A 219 -12.15 8.22 4.53
CA THR A 219 -12.95 9.05 3.64
C THR A 219 -13.19 8.35 2.30
N PHE A 220 -14.26 8.76 1.62
CA PHE A 220 -14.68 8.14 0.38
C PHE A 220 -14.68 9.19 -0.72
N TYR A 221 -15.89 9.61 -1.11
CA TYR A 221 -16.08 10.77 -1.95
C TYR A 221 -17.39 11.45 -1.57
N THR A 222 -17.57 12.68 -2.00
CA THR A 222 -18.85 13.37 -1.84
C THR A 222 -19.24 14.05 -3.14
N LEU A 223 -20.53 14.36 -3.27
CA LEU A 223 -21.04 15.05 -4.44
C LEU A 223 -21.60 16.41 -4.02
N PRO A 224 -21.46 17.43 -4.89
CA PRO A 224 -22.09 18.71 -4.57
C PRO A 224 -23.60 18.58 -4.61
N ASP A 225 -24.31 19.46 -3.90
CA ASP A 225 -25.74 19.28 -3.67
C ASP A 225 -26.60 19.37 -4.93
N ASP A 226 -26.12 20.08 -5.94
CA ASP A 226 -26.88 20.22 -7.18
C ASP A 226 -26.45 19.18 -8.21
N ILE A 227 -25.96 18.03 -7.74
CA ILE A 227 -25.45 17.00 -8.63
C ILE A 227 -26.57 16.36 -9.44
N GLN A 228 -26.25 16.03 -10.69
CA GLN A 228 -27.18 15.35 -11.57
C GLN A 228 -26.82 13.88 -11.66
N SER A 229 -27.78 13.05 -12.04
CA SER A 229 -27.54 11.62 -12.12
C SER A 229 -28.24 10.99 -13.31
N ALA A 230 -27.77 9.80 -13.69
CA ALA A 230 -28.39 9.01 -14.73
C ALA A 230 -28.10 7.54 -14.47
N THR A 231 -29.13 6.72 -14.47
CA THR A 231 -28.95 5.29 -14.30
C THR A 231 -28.34 4.68 -15.56
N ILE A 232 -27.25 3.95 -15.39
CA ILE A 232 -26.59 3.31 -16.52
C ILE A 232 -27.19 1.92 -16.76
N GLY A 233 -27.39 1.17 -15.69
CA GLY A 233 -28.01 -0.14 -15.79
C GLY A 233 -27.73 -1.01 -14.57
N HIS A 234 -28.46 -2.11 -14.46
CA HIS A 234 -28.28 -3.02 -13.34
C HIS A 234 -27.94 -4.43 -13.80
N LEU A 235 -27.28 -5.19 -12.92
CA LEU A 235 -26.90 -6.57 -13.20
C LEU A 235 -27.47 -7.51 -12.14
N ARG A 236 -28.03 -8.63 -12.59
CA ARG A 236 -28.56 -9.63 -11.68
C ARG A 236 -28.23 -11.03 -12.15
N PRO A 237 -27.00 -11.51 -11.83
CA PRO A 237 -26.73 -12.94 -12.04
C PRO A 237 -27.35 -13.77 -10.91
N GLY A 238 -26.98 -15.04 -10.86
CA GLY A 238 -27.59 -15.97 -9.93
C GLY A 238 -27.55 -15.59 -8.46
N CYS A 239 -26.42 -15.05 -8.01
CA CYS A 239 -26.20 -14.86 -6.57
C CYS A 239 -25.65 -13.49 -6.20
N HIS A 240 -25.76 -12.54 -7.13
CA HIS A 240 -25.29 -11.18 -6.89
C HIS A 240 -26.18 -10.17 -7.60
N ALA A 241 -26.08 -8.91 -7.17
CA ALA A 241 -26.79 -7.82 -7.82
C ALA A 241 -25.98 -6.54 -7.74
N ALA A 242 -26.10 -5.70 -8.76
CA ALA A 242 -25.35 -4.46 -8.79
C ALA A 242 -26.09 -3.38 -9.60
N ASN A 243 -25.83 -2.13 -9.26
CA ASN A 243 -26.38 -1.00 -10.00
C ASN A 243 -25.29 0.00 -10.38
N MET A 244 -25.24 0.37 -11.66
CA MET A 244 -24.25 1.33 -12.13
C MET A 244 -24.90 2.67 -12.44
N GLU A 245 -24.36 3.73 -11.85
CA GLU A 245 -24.92 5.06 -12.05
C GLU A 245 -23.85 6.08 -12.42
N CYS A 246 -24.28 7.15 -13.08
CA CYS A 246 -23.38 8.25 -13.40
C CYS A 246 -23.80 9.51 -12.65
N TRP A 247 -22.88 10.07 -11.89
CA TRP A 247 -23.12 11.31 -11.16
C TRP A 247 -22.22 12.38 -11.74
N SER A 248 -22.80 13.51 -12.17
CA SER A 248 -22.01 14.50 -12.87
C SER A 248 -22.51 15.94 -12.76
N MET A 249 -21.58 16.87 -12.90
CA MET A 249 -21.88 18.28 -12.95
C MET A 249 -21.92 18.76 -14.39
N LEU A 250 -21.75 17.82 -15.31
CA LEU A 250 -21.53 18.13 -16.71
C LEU A 250 -22.58 17.49 -17.61
N MET A 251 -23.83 17.47 -17.15
CA MET A 251 -24.90 16.85 -17.92
C MET A 251 -25.65 17.85 -18.82
N SER A 252 -26.41 17.29 -19.77
CA SER A 252 -27.26 18.04 -20.69
C SER A 252 -26.48 18.88 -21.70
N ALA B 3 -18.02 3.66 6.92
CA ALA B 3 -17.22 3.12 8.00
C ALA B 3 -15.80 2.82 7.54
N ARG B 4 -15.67 2.01 6.51
CA ARG B 4 -14.35 1.66 5.98
C ARG B 4 -14.28 1.82 4.46
N TYR B 5 -13.21 2.47 3.99
CA TYR B 5 -13.05 2.75 2.58
C TYR B 5 -11.65 2.38 2.08
N GLY B 6 -11.52 2.25 0.77
CA GLY B 6 -10.24 2.01 0.15
C GLY B 6 -10.03 2.96 -1.03
N VAL B 7 -8.80 3.45 -1.16
CA VAL B 7 -8.45 4.35 -2.25
C VAL B 7 -7.29 3.77 -3.07
N SER B 8 -7.48 3.70 -4.39
CA SER B 8 -6.47 3.16 -5.28
C SER B 8 -5.20 3.99 -5.26
N ASN B 9 -4.05 3.33 -5.18
CA ASN B 9 -2.78 4.05 -5.26
C ASN B 9 -2.55 4.57 -6.68
N THR B 10 -3.03 3.81 -7.65
CA THR B 10 -3.01 4.22 -9.06
C THR B 10 -3.99 5.37 -9.28
N SER B 11 -3.58 6.34 -10.10
CA SER B 11 -4.47 7.43 -10.49
C SER B 11 -4.13 7.94 -11.88
N ILE B 12 -5.05 8.68 -12.47
CA ILE B 12 -4.85 9.23 -13.81
C ILE B 12 -4.93 10.76 -13.79
N ASN B 13 -3.93 11.40 -14.37
CA ASN B 13 -3.81 12.85 -14.33
C ASN B 13 -3.82 13.50 -15.71
N ARG B 14 -4.66 14.53 -15.86
CA ARG B 14 -4.64 15.36 -17.06
C ARG B 14 -4.23 16.79 -16.71
N LYS B 15 -3.26 17.33 -17.43
CA LYS B 15 -2.81 18.70 -17.23
C LYS B 15 -2.52 19.39 -18.56
N ALA C 16 26.24 -10.55 34.23
CA ALA C 16 26.83 -10.28 32.93
C ALA C 16 25.76 -10.09 31.85
N ASP C 17 24.56 -10.59 32.12
CA ASP C 17 23.51 -10.62 31.11
C ASP C 17 22.41 -9.58 31.35
N SER C 18 22.04 -9.37 32.61
CA SER C 18 20.98 -8.43 32.94
C SER C 18 21.48 -6.99 32.97
N ILE C 19 20.73 -6.10 32.30
CA ILE C 19 21.02 -4.68 32.30
C ILE C 19 20.23 -4.03 33.42
N ASP C 20 20.94 -3.53 34.43
CA ASP C 20 20.33 -2.95 35.61
C ASP C 20 20.11 -1.43 35.60
N ASP C 21 20.52 -0.78 34.53
CA ASP C 21 20.31 0.67 34.41
C ASP C 21 18.83 0.97 34.56
N LYS C 22 18.51 1.80 35.55
CA LYS C 22 17.12 2.07 35.92
C LYS C 22 16.31 2.72 34.81
N LYS C 23 16.96 3.54 33.99
CA LYS C 23 16.25 4.23 32.91
C LYS C 23 16.20 3.40 31.64
N TRP C 24 17.18 2.53 31.47
CA TRP C 24 17.21 1.58 30.37
C TRP C 24 15.92 0.76 30.31
N SER C 25 15.39 0.44 31.49
CA SER C 25 14.21 -0.41 31.61
C SER C 25 12.95 0.17 30.97
N LYS C 26 12.91 1.50 30.83
CA LYS C 26 11.73 2.19 30.33
C LYS C 26 11.44 1.91 28.86
N LEU C 27 12.49 1.96 28.03
CA LEU C 27 12.34 1.82 26.59
C LEU C 27 12.79 0.45 26.09
N PHE C 28 13.57 -0.27 26.89
CA PHE C 28 14.16 -1.52 26.43
C PHE C 28 13.82 -2.71 27.33
N PRO C 29 13.94 -3.94 26.78
CA PRO C 29 13.84 -5.10 27.66
C PRO C 29 15.08 -5.20 28.53
N ARG C 30 14.92 -5.71 29.75
CA ARG C 30 15.99 -5.76 30.73
C ARG C 30 17.05 -6.80 30.36
N ILE C 31 16.64 -7.83 29.64
CA ILE C 31 17.55 -8.89 29.20
C ILE C 31 17.31 -9.16 27.71
N VAL C 32 18.40 -9.32 26.95
CA VAL C 32 18.28 -9.50 25.50
C VAL C 32 18.93 -10.78 24.98
N SER C 33 19.17 -11.75 25.86
CA SER C 33 19.91 -12.95 25.50
C SER C 33 19.07 -13.95 24.69
N ASP C 34 17.81 -14.08 25.05
CA ASP C 34 16.90 -15.02 24.38
C ASP C 34 16.31 -14.40 23.10
N PRO C 35 15.89 -15.25 22.15
CA PRO C 35 15.47 -14.77 20.82
C PRO C 35 14.30 -13.79 20.84
N ASP C 36 13.26 -14.06 21.62
CA ASP C 36 12.11 -13.16 21.69
C ASP C 36 12.51 -11.78 22.23
N ARG C 37 13.28 -11.75 23.30
CA ARG C 37 13.73 -10.48 23.87
C ARG C 37 14.90 -9.88 23.10
N SER C 38 15.59 -10.70 22.33
CA SER C 38 16.63 -10.18 21.46
C SER C 38 16.01 -9.41 20.31
N SER C 39 14.92 -9.96 19.78
CA SER C 39 14.26 -9.37 18.62
C SER C 39 13.54 -8.07 18.93
N ASN C 40 12.85 -8.00 20.04
CA ASN C 40 12.11 -6.78 20.36
C ASN C 40 13.04 -5.68 20.85
N PHE C 41 14.23 -6.06 21.30
CA PHE C 41 15.27 -5.06 21.57
C PHE C 41 15.66 -4.39 20.26
N MET C 42 15.73 -5.19 19.20
CA MET C 42 16.11 -4.66 17.90
C MET C 42 15.07 -3.65 17.43
N THR C 43 13.79 -3.94 17.68
CA THR C 43 12.72 -3.07 17.25
C THR C 43 12.79 -1.71 17.95
N ARG C 44 13.04 -1.72 19.26
CA ARG C 44 13.20 -0.46 19.98
C ARG C 44 14.47 0.25 19.52
N ALA C 45 15.50 -0.53 19.25
CA ALA C 45 16.78 0.01 18.77
C ALA C 45 16.60 0.71 17.42
N ILE C 46 15.80 0.11 16.55
CA ILE C 46 15.44 0.72 15.28
C ILE C 46 14.69 2.03 15.51
N TYR C 47 13.75 1.99 16.46
CA TYR C 47 12.97 3.16 16.83
C TYR C 47 13.85 4.31 17.34
N VAL C 48 14.77 3.99 18.24
CA VAL C 48 15.62 5.01 18.85
C VAL C 48 16.65 5.58 17.88
N ALA C 49 17.32 4.70 17.15
CA ALA C 49 18.39 5.09 16.24
C ALA C 49 17.91 6.05 15.15
N PHE C 50 16.80 5.71 14.49
CA PHE C 50 16.27 6.55 13.43
C PHE C 50 15.59 7.80 13.99
N SER C 51 15.15 7.72 15.25
CA SER C 51 14.65 8.90 15.95
C SER C 51 15.77 9.93 16.09
N ALA C 52 16.95 9.46 16.48
CA ALA C 52 18.10 10.32 16.64
C ALA C 52 18.50 10.97 15.32
N VAL C 53 18.50 10.18 14.26
CA VAL C 53 18.88 10.66 12.94
C VAL C 53 17.91 11.71 12.41
N LEU C 54 16.62 11.42 12.51
CA LEU C 54 15.59 12.34 12.03
C LEU C 54 15.69 13.70 12.71
N ARG C 55 15.97 13.69 14.02
CA ARG C 55 16.02 14.91 14.81
C ARG C 55 17.32 15.68 14.65
N ASN C 56 18.44 15.00 14.87
CA ASN C 56 19.76 15.64 14.81
C ASN C 56 20.13 16.14 13.42
N ARG C 57 19.60 15.50 12.38
CA ARG C 57 19.86 15.96 11.02
C ARG C 57 18.83 17.01 10.63
N ASN C 58 17.92 17.27 11.57
CA ASN C 58 16.83 18.24 11.42
C ASN C 58 15.96 17.98 10.20
N ILE C 59 15.66 16.71 9.95
CA ILE C 59 14.69 16.34 8.93
C ILE C 59 13.29 16.58 9.47
N LEU C 60 13.15 16.45 10.79
CA LEU C 60 11.91 16.80 11.48
C LEU C 60 12.19 17.76 12.63
N GLY C 61 11.21 18.62 12.93
CA GLY C 61 11.35 19.57 14.02
C GLY C 61 11.20 18.92 15.38
N GLN C 62 11.67 19.63 16.41
CA GLN C 62 11.63 19.17 17.79
C GLN C 62 10.22 18.80 18.27
N GLU C 63 9.21 19.46 17.71
CA GLU C 63 7.82 19.21 18.07
C GLU C 63 7.37 17.78 17.79
N TYR C 64 8.18 17.05 17.02
CA TYR C 64 7.83 15.69 16.63
C TYR C 64 8.50 14.64 17.50
N PHE C 65 9.12 15.07 18.59
CA PHE C 65 9.87 14.16 19.45
C PHE C 65 9.55 14.37 20.92
N THR C 66 9.86 13.37 21.73
CA THR C 66 9.76 13.49 23.18
C THR C 66 11.09 13.12 23.83
N LYS C 67 11.41 13.84 24.90
CA LYS C 67 12.63 13.58 25.66
C LYS C 67 12.59 12.18 26.27
N ASN C 68 13.74 11.52 26.32
CA ASN C 68 13.84 10.18 26.88
C ASN C 68 15.27 9.82 27.27
N TYR C 69 15.42 9.09 28.36
CA TYR C 69 16.72 8.57 28.77
C TYR C 69 16.97 7.24 28.07
N ILE C 70 18.13 7.10 27.46
CA ILE C 70 18.59 5.80 27.03
C ILE C 70 19.16 5.10 28.26
N THR C 71 20.01 5.83 28.98
CA THR C 71 20.57 5.36 30.25
C THR C 71 20.58 6.50 31.26
N GLU C 72 21.35 6.33 32.33
CA GLU C 72 21.54 7.37 33.32
C GLU C 72 22.50 8.43 32.79
N LYS C 73 23.27 8.07 31.76
CA LYS C 73 24.33 8.93 31.26
C LYS C 73 23.96 9.62 29.95
N LEU C 74 22.89 9.16 29.32
CA LEU C 74 22.52 9.69 28.01
C LEU C 74 21.02 9.90 27.84
N LYS C 75 20.65 11.08 27.37
CA LYS C 75 19.28 11.34 26.94
C LYS C 75 19.21 11.29 25.42
N CYS C 76 17.99 11.22 24.90
CA CYS C 76 17.77 11.20 23.45
C CYS C 76 16.35 11.59 23.10
N MET C 77 16.19 12.11 21.88
CA MET C 77 14.87 12.47 21.38
C MET C 77 14.28 11.31 20.60
N THR C 78 13.17 10.75 21.08
CA THR C 78 12.51 9.66 20.38
C THR C 78 11.19 10.15 19.80
N LEU C 79 10.82 9.58 18.65
CA LEU C 79 9.61 10.00 17.92
C LEU C 79 8.37 9.97 18.81
N CYS C 80 7.64 11.08 18.80
CA CYS C 80 6.49 11.25 19.68
C CYS C 80 5.30 10.39 19.28
N PHE C 81 4.84 9.56 20.22
CA PHE C 81 3.71 8.68 19.99
C PHE C 81 2.37 9.42 20.05
N ARG C 82 2.39 10.66 20.53
CA ARG C 82 1.16 11.43 20.72
C ARG C 82 0.95 12.51 19.66
N ASN C 83 1.84 12.56 18.69
CA ASN C 83 1.64 13.37 17.50
C ASN C 83 1.31 12.45 16.34
N LEU C 84 0.29 12.79 15.55
CA LEU C 84 -0.18 11.93 14.46
C LEU C 84 0.94 11.50 13.51
N ARG C 85 1.71 12.46 13.02
CA ARG C 85 2.69 12.18 11.98
C ARG C 85 3.86 11.36 12.48
N SER C 86 4.46 11.78 13.59
CA SER C 86 5.59 11.06 14.16
C SER C 86 5.17 9.66 14.60
N ASN C 87 3.94 9.53 15.08
CA ASN C 87 3.39 8.22 15.45
C ASN C 87 3.32 7.30 14.24
N GLN C 88 2.97 7.87 13.09
CA GLN C 88 2.87 7.11 11.86
C GLN C 88 4.24 6.60 11.42
N ILE C 89 5.26 7.43 11.63
CA ILE C 89 6.63 7.05 11.29
C ILE C 89 7.13 5.98 12.25
N ALA C 90 6.77 6.12 13.52
CA ALA C 90 7.13 5.13 14.53
C ALA C 90 6.48 3.78 14.22
N GLN C 91 5.26 3.82 13.70
CA GLN C 91 4.55 2.60 13.34
C GLN C 91 5.23 1.90 12.17
N LEU C 92 5.70 2.71 11.22
CA LEU C 92 6.48 2.21 10.09
C LEU C 92 7.71 1.44 10.58
N LEU C 93 8.46 2.05 11.47
CA LEU C 93 9.67 1.47 12.01
C LEU C 93 9.40 0.23 12.87
N ARG C 94 8.29 0.24 13.60
CA ARG C 94 7.96 -0.88 14.47
C ARG C 94 7.60 -2.13 13.67
N ASN C 95 6.87 -1.93 12.57
CA ASN C 95 6.53 -3.04 11.69
C ASN C 95 7.77 -3.67 11.08
N ALA C 96 8.71 -2.81 10.70
CA ALA C 96 9.98 -3.25 10.15
C ALA C 96 10.75 -4.10 11.16
N GLY C 97 10.69 -3.66 12.42
CA GLY C 97 11.33 -4.38 13.52
C GLY C 97 10.69 -5.71 13.82
N ASP C 98 9.36 -5.77 13.73
CA ASP C 98 8.63 -7.02 13.93
C ASP C 98 9.13 -8.10 12.98
N ALA C 99 9.55 -7.69 11.79
CA ALA C 99 10.02 -8.63 10.78
C ALA C 99 11.33 -9.31 11.16
N THR C 100 12.07 -8.71 12.09
CA THR C 100 13.33 -9.31 12.52
C THR C 100 13.10 -10.57 13.32
N LYS C 101 11.90 -10.70 13.88
CA LYS C 101 11.57 -11.84 14.72
C LYS C 101 11.66 -13.16 13.97
N ASP C 102 11.11 -13.20 12.75
CA ASP C 102 11.20 -14.39 11.91
C ASP C 102 12.34 -14.31 10.89
N GLY C 103 13.20 -13.30 11.04
CA GLY C 103 14.36 -13.16 10.19
C GLY C 103 14.05 -12.83 8.74
N PHE C 104 13.06 -11.96 8.53
CA PHE C 104 12.64 -11.61 7.17
C PHE C 104 13.13 -10.23 6.73
N LEU C 105 13.85 -9.54 7.61
CA LEU C 105 14.32 -8.18 7.31
C LEU C 105 15.82 -8.15 7.07
N LYS C 106 16.22 -7.84 5.85
CA LYS C 106 17.64 -7.73 5.52
C LYS C 106 18.16 -6.33 5.85
N GLU C 107 17.40 -5.32 5.45
CA GLU C 107 17.82 -3.94 5.64
C GLU C 107 16.63 -2.99 5.69
N VAL C 108 16.72 -1.99 6.57
CA VAL C 108 15.79 -0.86 6.58
C VAL C 108 16.63 0.41 6.59
N SER C 109 16.28 1.37 5.73
CA SER C 109 17.10 2.56 5.57
C SER C 109 16.30 3.83 5.29
N LEU C 110 16.70 4.92 5.96
CA LEU C 110 16.20 6.24 5.64
C LEU C 110 16.96 6.77 4.43
N VAL C 111 16.22 7.03 3.35
CA VAL C 111 16.84 7.37 2.07
C VAL C 111 16.53 8.81 1.65
N ILE C 112 17.57 9.63 1.54
CA ILE C 112 17.40 11.03 1.15
C ILE C 112 17.75 11.24 -0.32
N THR C 113 16.82 11.83 -1.07
CA THR C 113 17.06 12.13 -2.49
C THR C 113 16.74 13.60 -2.80
N ASN C 114 17.13 14.06 -3.97
CA ASN C 114 16.77 15.39 -4.45
C ASN C 114 15.27 15.46 -4.72
N ASN C 115 14.81 14.52 -5.52
CA ASN C 115 13.42 14.45 -5.94
C ASN C 115 12.78 13.15 -5.52
N GLU C 116 11.46 13.17 -5.34
CA GLU C 116 10.71 11.98 -4.98
C GLU C 116 10.88 10.90 -6.05
N GLY C 117 11.16 9.68 -5.61
CA GLY C 117 11.22 8.55 -6.52
C GLY C 117 12.56 8.30 -7.18
N ASP C 118 13.56 9.13 -6.88
CA ASP C 118 14.89 8.94 -7.45
C ASP C 118 15.54 7.68 -6.90
N LEU C 119 16.23 6.95 -7.78
CA LEU C 119 16.93 5.73 -7.37
C LEU C 119 18.19 6.05 -6.59
N GLU C 120 18.99 6.98 -7.11
CA GLU C 120 20.27 7.32 -6.51
C GLU C 120 20.13 8.35 -5.38
N ALA C 121 20.55 7.96 -4.19
CA ALA C 121 20.37 8.79 -3.01
C ALA C 121 21.49 9.82 -2.82
N ILE C 122 21.15 10.92 -2.15
CA ILE C 122 22.10 11.93 -1.70
C ILE C 122 22.78 11.43 -0.43
N GLU C 123 21.96 10.87 0.46
CA GLU C 123 22.40 10.50 1.79
C GLU C 123 21.54 9.36 2.30
N VAL C 124 22.18 8.39 2.92
CA VAL C 124 21.51 7.20 3.41
C VAL C 124 21.95 6.86 4.83
N PHE C 125 20.97 6.53 5.67
CA PHE C 125 21.23 5.93 6.96
C PHE C 125 20.70 4.50 6.97
N SER C 126 21.62 3.54 6.94
CA SER C 126 21.24 2.14 6.74
C SER C 126 21.44 1.26 7.98
N MET C 127 20.45 0.41 8.26
CA MET C 127 20.60 -0.64 9.25
C MET C 127 20.50 -1.99 8.55
N LYS C 128 21.55 -2.79 8.64
CA LYS C 128 21.56 -4.09 7.97
C LYS C 128 21.63 -5.22 8.99
N PHE C 129 20.79 -6.23 8.78
CA PHE C 129 20.55 -7.23 9.80
C PHE C 129 21.01 -8.63 9.39
N ILE C 130 21.51 -9.38 10.36
CA ILE C 130 21.87 -10.77 10.16
C ILE C 130 21.14 -11.59 11.22
N TYR C 131 20.86 -12.85 10.92
CA TYR C 131 20.09 -13.68 11.85
C TYR C 131 20.85 -14.95 12.22
N PHE C 132 20.42 -15.59 13.31
CA PHE C 132 21.14 -16.72 13.86
C PHE C 132 20.24 -17.93 14.10
N GLU C 133 20.85 -19.11 14.10
CA GLU C 133 20.13 -20.33 14.46
C GLU C 133 19.94 -20.39 15.97
N ASN C 134 19.18 -21.38 16.42
CA ASN C 134 18.91 -21.58 17.85
C ASN C 134 20.19 -21.59 18.69
N GLY C 135 20.19 -20.81 19.77
CA GLY C 135 21.38 -20.64 20.59
C GLY C 135 22.03 -19.29 20.35
N GLY C 136 21.77 -18.72 19.17
CA GLY C 136 22.22 -17.39 18.82
C GLY C 136 23.71 -17.27 18.53
N VAL C 137 24.39 -18.40 18.37
CA VAL C 137 25.83 -18.42 18.19
C VAL C 137 26.23 -18.54 16.70
N VAL C 138 25.42 -19.27 15.94
CA VAL C 138 25.74 -19.54 14.54
C VAL C 138 24.87 -18.74 13.57
N ALA C 139 25.52 -17.98 12.71
CA ALA C 139 24.83 -17.14 11.73
C ALA C 139 24.24 -17.96 10.58
N ARG C 140 23.01 -17.64 10.21
CA ARG C 140 22.42 -18.17 8.99
C ARG C 140 23.01 -17.40 7.82
N LEU C 141 23.22 -18.09 6.70
CA LEU C 141 23.82 -17.43 5.53
C LEU C 141 22.87 -16.40 4.94
N SER C 142 23.38 -15.19 4.70
CA SER C 142 22.62 -14.16 4.01
C SER C 142 23.28 -13.88 2.67
N THR C 143 22.53 -14.03 1.59
CA THR C 143 23.12 -13.97 0.24
C THR C 143 22.37 -13.12 -0.79
N ASP C 144 23.12 -12.76 -1.84
CA ASP C 144 22.59 -12.29 -3.11
C ASP C 144 21.70 -13.43 -3.68
N LYS C 145 20.80 -13.27 -4.67
CA LYS C 145 20.71 -12.34 -5.82
C LYS C 145 21.63 -12.85 -6.93
N ASN C 146 22.93 -12.93 -6.62
CA ASN C 146 23.91 -13.59 -7.45
C ASN C 146 24.50 -14.79 -6.73
N GLY C 147 23.99 -15.06 -5.53
CA GLY C 147 24.52 -16.14 -4.70
C GLY C 147 25.70 -15.67 -3.87
N GLN C 148 26.03 -14.39 -4.00
CA GLN C 148 27.18 -13.82 -3.31
C GLN C 148 26.84 -13.40 -1.89
N GLU C 149 27.78 -13.62 -0.98
CA GLU C 149 27.63 -13.23 0.41
C GLU C 149 27.40 -11.72 0.54
N ASP C 150 26.43 -11.34 1.36
CA ASP C 150 26.14 -9.92 1.59
C ASP C 150 27.34 -9.24 2.23
N PRO C 151 27.60 -7.98 1.84
CA PRO C 151 28.76 -7.23 2.35
C PRO C 151 28.71 -7.00 3.85
N HIS C 152 27.51 -6.87 4.42
CA HIS C 152 27.37 -6.59 5.84
C HIS C 152 27.46 -7.86 6.69
N PHE C 153 27.36 -9.01 6.04
CA PHE C 153 27.31 -10.30 6.73
C PHE C 153 28.56 -10.60 7.55
N ALA C 154 29.72 -10.38 6.94
CA ALA C 154 31.00 -10.85 7.49
C ALA C 154 31.30 -10.33 8.90
N LYS C 155 31.25 -9.02 9.09
CA LYS C 155 31.56 -8.44 10.40
C LYS C 155 30.58 -8.92 11.46
N LEU C 156 29.31 -9.01 11.09
CA LEU C 156 28.25 -9.34 12.05
C LEU C 156 28.31 -10.80 12.50
N ALA C 157 28.60 -11.70 11.56
CA ALA C 157 28.68 -13.11 11.88
C ALA C 157 29.81 -13.39 12.86
N GLN C 158 30.92 -12.68 12.72
CA GLN C 158 32.09 -12.90 13.57
C GLN C 158 31.88 -12.39 15.00
N LEU C 159 30.93 -11.47 15.16
CA LEU C 159 30.63 -10.92 16.48
C LEU C 159 30.07 -11.99 17.42
N VAL C 160 30.42 -11.88 18.69
CA VAL C 160 29.88 -12.77 19.70
C VAL C 160 29.06 -11.97 20.70
N TYR C 161 27.95 -12.55 21.16
CA TYR C 161 27.12 -11.91 22.17
C TYR C 161 27.91 -11.77 23.47
N GLU C 162 28.04 -10.54 23.96
CA GLU C 162 28.96 -10.25 25.07
C GLU C 162 28.27 -9.84 26.37
N GLY C 163 26.98 -10.14 26.49
CA GLY C 163 26.26 -9.80 27.70
C GLY C 163 25.49 -8.49 27.58
N GLY C 164 24.67 -8.21 28.59
CA GLY C 164 23.74 -7.10 28.54
C GLY C 164 24.35 -5.71 28.42
N ASP C 165 25.36 -5.41 29.23
CA ASP C 165 25.94 -4.07 29.25
C ASP C 165 26.67 -3.72 27.97
N SER C 166 27.21 -4.73 27.30
CA SER C 166 27.86 -4.51 26.01
C SER C 166 26.82 -3.99 25.03
N VAL C 167 25.63 -4.57 25.11
CA VAL C 167 24.52 -4.17 24.26
C VAL C 167 24.08 -2.76 24.59
N ARG C 168 24.03 -2.43 25.88
CA ARG C 168 23.75 -1.08 26.33
C ARG C 168 24.77 -0.10 25.75
N ASP C 169 26.06 -0.44 25.89
CA ASP C 169 27.14 0.39 25.38
C ASP C 169 27.07 0.53 23.86
N GLN C 170 26.59 -0.51 23.18
CA GLN C 170 26.42 -0.45 21.74
C GLN C 170 25.32 0.53 21.36
N MET C 171 24.20 0.47 22.06
CA MET C 171 23.09 1.39 21.82
C MET C 171 23.49 2.83 22.11
N VAL C 172 24.27 3.02 23.17
CA VAL C 172 24.76 4.35 23.55
C VAL C 172 25.72 4.90 22.50
N THR C 173 26.61 4.03 22.01
CA THR C 173 27.58 4.40 20.99
C THR C 173 26.91 4.92 19.73
N ILE C 174 25.85 4.23 19.31
CA ILE C 174 25.13 4.59 18.09
C ILE C 174 24.49 5.97 18.17
N VAL C 175 23.86 6.26 19.30
CA VAL C 175 23.20 7.56 19.49
C VAL C 175 24.23 8.70 19.48
N ARG C 176 25.35 8.50 20.17
CA ARG C 176 26.38 9.52 20.24
C ARG C 176 27.07 9.72 18.88
N SER C 177 27.20 8.64 18.12
CA SER C 177 27.77 8.71 16.77
C SER C 177 26.88 9.52 15.84
N VAL C 178 25.58 9.26 15.90
CA VAL C 178 24.59 10.03 15.15
C VAL C 178 24.68 11.51 15.50
N GLN C 179 24.76 11.80 16.80
CA GLN C 179 24.96 13.16 17.28
C GLN C 179 26.24 13.76 16.72
N PHE C 180 27.33 13.00 16.79
CA PHE C 180 28.63 13.45 16.30
C PHE C 180 28.65 13.74 14.80
N LEU C 181 28.18 12.78 14.01
CA LEU C 181 28.14 12.92 12.57
C LEU C 181 27.30 14.12 12.13
N CYS C 182 26.16 14.31 12.78
CA CYS C 182 25.24 15.38 12.38
C CYS C 182 25.75 16.77 12.75
N THR C 183 26.55 16.87 13.80
CA THR C 183 26.96 18.19 14.28
C THR C 183 28.38 18.57 13.87
N LYS C 184 29.24 17.58 13.66
CA LYS C 184 30.63 17.85 13.31
C LYS C 184 30.97 17.50 11.86
N VAL C 185 30.62 16.30 11.44
CA VAL C 185 31.06 15.79 10.13
C VAL C 185 30.20 16.24 8.95
N LEU C 186 28.88 16.19 9.12
CA LEU C 186 27.97 16.36 7.99
C LEU C 186 27.61 17.82 7.69
N GLU C 187 27.66 18.16 6.41
CA GLU C 187 27.25 19.47 5.91
C GLU C 187 25.73 19.51 5.77
N PRO C 188 25.13 20.71 5.78
CA PRO C 188 23.67 20.84 5.77
C PRO C 188 22.98 20.23 4.55
N LEU C 189 21.76 19.74 4.75
CA LEU C 189 20.95 19.20 3.65
C LEU C 189 20.54 20.31 2.68
N PRO C 190 20.35 19.96 1.40
CA PRO C 190 19.93 20.94 0.39
C PRO C 190 18.60 21.60 0.73
N GLU C 191 18.33 22.74 0.11
CA GLU C 191 17.10 23.49 0.36
C GLU C 191 15.86 22.67 0.02
N GLU C 192 16.02 21.74 -0.93
CA GLU C 192 14.93 20.87 -1.31
C GLU C 192 15.37 19.41 -1.29
N PHE C 193 14.59 18.55 -0.65
CA PHE C 193 14.85 17.11 -0.61
C PHE C 193 13.61 16.30 -0.30
N THR C 194 13.68 14.99 -0.53
CA THR C 194 12.65 14.05 -0.11
C THR C 194 13.25 12.90 0.67
N ALA C 195 12.63 12.55 1.79
CA ALA C 195 13.12 11.46 2.61
C ALA C 195 12.05 10.40 2.85
N ASN C 196 12.39 9.15 2.61
CA ASN C 196 11.49 8.03 2.83
C ASN C 196 12.23 6.81 3.37
N PHE C 197 11.48 5.81 3.80
CA PHE C 197 12.07 4.58 4.32
C PHE C 197 11.95 3.45 3.31
N ARG C 198 13.09 2.82 3.01
CA ARG C 198 13.14 1.74 2.04
C ARG C 198 13.78 0.51 2.66
N LEU C 199 13.23 -0.66 2.36
CA LEU C 199 13.71 -1.89 2.98
C LEU C 199 13.96 -3.00 1.97
N GLU C 200 14.70 -4.02 2.41
CA GLU C 200 14.90 -5.21 1.60
C GLU C 200 14.54 -6.46 2.41
N TYR C 201 13.85 -7.40 1.77
CA TYR C 201 13.47 -8.65 2.41
C TYR C 201 14.58 -9.69 2.27
N THR C 202 14.61 -10.64 3.20
CA THR C 202 15.55 -11.77 3.10
C THR C 202 15.02 -12.78 2.10
N ASN C 203 15.88 -13.71 1.69
CA ASN C 203 15.45 -14.81 0.84
C ASN C 203 14.39 -15.66 1.53
N ASP C 204 14.46 -15.71 2.86
CA ASP C 204 13.58 -16.53 3.67
C ASP C 204 12.13 -16.07 3.60
N ALA C 205 11.92 -14.78 3.36
CA ALA C 205 10.58 -14.20 3.36
C ALA C 205 9.66 -14.82 2.31
N PRO C 206 8.51 -15.33 2.76
CA PRO C 206 7.47 -15.83 1.85
C PRO C 206 6.84 -14.67 1.09
N SER C 207 6.49 -14.89 -0.18
CA SER C 207 5.93 -13.85 -1.04
C SER C 207 4.67 -13.22 -0.44
N ASN C 208 3.88 -14.02 0.27
CA ASN C 208 2.67 -13.53 0.91
C ASN C 208 2.96 -12.64 2.11
N PHE C 209 4.18 -12.71 2.64
CA PHE C 209 4.55 -11.87 3.78
C PHE C 209 4.98 -10.49 3.33
N ARG C 210 4.21 -9.48 3.71
CA ARG C 210 4.57 -8.10 3.46
C ARG C 210 4.60 -7.32 4.78
N ILE C 211 5.51 -6.36 4.87
CA ILE C 211 5.62 -5.51 6.04
C ILE C 211 4.70 -4.30 5.90
N ASP C 212 3.74 -4.19 6.80
CA ASP C 212 2.71 -3.14 6.74
C ASP C 212 3.29 -1.73 6.60
N GLY C 213 2.79 -1.00 5.61
CA GLY C 213 3.24 0.37 5.36
C GLY C 213 4.25 0.46 4.23
N PHE C 214 4.72 -0.68 3.76
CA PHE C 214 5.72 -0.72 2.70
C PHE C 214 5.20 -1.38 1.43
N GLU C 215 5.24 -0.64 0.34
CA GLU C 215 4.88 -1.15 -0.98
C GLU C 215 5.95 -2.09 -1.50
N ASP C 216 5.54 -3.17 -2.14
CA ASP C 216 6.49 -4.00 -2.87
C ASP C 216 7.10 -3.18 -4.01
N SER C 217 8.42 -3.22 -4.12
CA SER C 217 9.11 -2.58 -5.23
C SER C 217 10.23 -3.49 -5.71
N SER C 218 10.56 -3.40 -6.99
CA SER C 218 11.68 -4.16 -7.53
C SER C 218 12.92 -3.28 -7.56
N THR C 219 12.78 -2.06 -7.05
CA THR C 219 13.90 -1.13 -6.97
C THR C 219 14.11 -0.65 -5.53
N PHE C 220 15.34 -0.25 -5.23
CA PHE C 220 15.76 0.05 -3.87
C PHE C 220 16.30 1.47 -3.78
N TYR C 221 17.61 1.57 -3.55
CA TYR C 221 18.34 2.82 -3.66
C TYR C 221 19.73 2.51 -4.18
N THR C 222 20.36 3.48 -4.82
CA THR C 222 21.75 3.33 -5.22
C THR C 222 22.56 4.52 -4.72
N LEU C 223 23.87 4.37 -4.68
CA LEU C 223 24.75 5.44 -4.25
C LEU C 223 25.65 5.89 -5.40
N PRO C 224 25.99 7.19 -5.44
CA PRO C 224 26.98 7.64 -6.43
C PRO C 224 28.35 7.00 -6.17
N ASP C 225 29.20 6.97 -7.19
CA ASP C 225 30.49 6.30 -7.05
C ASP C 225 31.41 7.03 -6.08
N ASP C 226 31.19 8.32 -5.91
CA ASP C 226 32.03 9.12 -5.02
C ASP C 226 31.40 9.32 -3.64
N ILE C 227 30.46 8.46 -3.28
CA ILE C 227 29.80 8.55 -1.98
C ILE C 227 30.77 8.21 -0.86
N GLN C 228 30.60 8.86 0.29
CA GLN C 228 31.45 8.62 1.44
C GLN C 228 30.68 7.86 2.52
N SER C 229 31.39 7.15 3.39
CA SER C 229 30.74 6.36 4.43
C SER C 229 31.35 6.59 5.81
N ALA C 230 30.58 6.21 6.82
CA ALA C 230 31.04 6.28 8.20
C ALA C 230 30.23 5.30 9.05
N THR C 231 30.92 4.37 9.70
CA THR C 231 30.25 3.41 10.57
C THR C 231 29.66 4.09 11.79
N ILE C 232 28.37 3.95 11.99
CA ILE C 232 27.71 4.55 13.15
C ILE C 232 27.88 3.65 14.37
N GLY C 233 27.70 2.34 14.17
CA GLY C 233 27.87 1.37 15.24
C GLY C 233 27.07 0.10 14.98
N HIS C 234 27.34 -0.93 15.78
CA HIS C 234 26.65 -2.21 15.59
C HIS C 234 25.93 -2.66 16.85
N LEU C 235 25.03 -3.63 16.66
CA LEU C 235 24.23 -4.17 17.75
C LEU C 235 24.39 -5.69 17.80
N ARG C 236 24.65 -6.22 19.00
CA ARG C 236 24.79 -7.66 19.17
C ARG C 236 24.00 -8.17 20.37
N PRO C 237 22.67 -8.29 20.24
CA PRO C 237 21.88 -9.01 21.24
C PRO C 237 22.12 -10.50 21.14
N GLY C 238 21.37 -11.27 21.91
CA GLY C 238 21.55 -12.70 21.96
C GLY C 238 21.44 -13.45 20.64
N CYS C 239 20.46 -13.07 19.82
CA CYS C 239 20.14 -13.86 18.64
C CYS C 239 20.00 -13.06 17.34
N HIS C 240 20.54 -11.84 17.34
CA HIS C 240 20.52 -11.01 16.15
C HIS C 240 21.78 -10.16 16.08
N ALA C 241 22.05 -9.61 14.91
CA ALA C 241 23.18 -8.70 14.72
C ALA C 241 22.81 -7.63 13.71
N ALA C 242 23.27 -6.42 13.94
CA ALA C 242 22.93 -5.30 13.07
C ALA C 242 24.09 -4.34 12.98
N ASN C 243 24.31 -3.80 11.79
CA ASN C 243 25.33 -2.78 11.58
C ASN C 243 24.69 -1.52 11.03
N MET C 244 24.97 -0.38 11.66
CA MET C 244 24.39 0.87 11.21
C MET C 244 25.44 1.79 10.60
N GLU C 245 25.19 2.23 9.37
CA GLU C 245 26.16 3.05 8.65
C GLU C 245 25.51 4.28 8.04
N CYS C 246 26.32 5.32 7.84
CA CYS C 246 25.86 6.52 7.16
C CYS C 246 26.61 6.71 5.84
N TRP C 247 25.87 6.79 4.74
CA TRP C 247 26.44 7.11 3.44
C TRP C 247 25.97 8.50 3.03
N SER C 248 26.90 9.36 2.63
CA SER C 248 26.52 10.73 2.25
C SER C 248 27.47 11.37 1.25
N MET C 249 26.92 12.30 0.46
CA MET C 249 27.71 13.16 -0.40
C MET C 249 28.08 14.43 0.33
N LEU C 250 27.56 14.57 1.55
CA LEU C 250 27.67 15.83 2.28
C LEU C 250 28.64 15.77 3.46
N MET C 251 29.67 14.94 3.34
CA MET C 251 30.67 14.83 4.41
C MET C 251 31.81 15.84 4.23
N SER C 252 32.22 16.42 5.36
CA SER C 252 33.31 17.41 5.43
C SER C 252 32.92 18.75 4.82
N ALA D 3 15.41 -10.35 -6.06
CA ALA D 3 15.55 -9.30 -5.05
C ALA D 3 14.22 -8.58 -4.86
N ARG D 4 13.77 -8.51 -3.62
CA ARG D 4 12.49 -7.91 -3.28
C ARG D 4 12.64 -6.78 -2.26
N TYR D 5 12.08 -5.62 -2.57
CA TYR D 5 12.20 -4.46 -1.70
C TYR D 5 10.86 -3.90 -1.24
N GLY D 6 10.92 -2.99 -0.28
CA GLY D 6 9.74 -2.28 0.20
C GLY D 6 9.99 -0.79 0.26
N VAL D 7 9.01 -0.01 -0.19
CA VAL D 7 9.09 1.45 -0.13
C VAL D 7 7.90 1.99 0.67
N SER D 8 8.18 2.89 1.61
CA SER D 8 7.17 3.39 2.52
C SER D 8 6.11 4.26 1.85
N ASN D 9 4.87 4.14 2.30
CA ASN D 9 3.81 5.05 1.91
C ASN D 9 4.20 6.48 2.31
N THR D 10 4.71 6.60 3.53
CA THR D 10 5.04 7.88 4.15
C THR D 10 6.29 8.53 3.53
N SER D 11 6.25 9.84 3.39
CA SER D 11 7.42 10.60 2.94
C SER D 11 7.55 11.92 3.70
N ILE D 12 8.78 12.34 3.92
CA ILE D 12 9.07 13.65 4.51
C ILE D 12 9.62 14.56 3.44
N ASN D 13 8.94 15.67 3.19
CA ASN D 13 9.29 16.54 2.06
C ASN D 13 9.71 17.94 2.48
N ARG D 14 10.83 18.42 1.93
CA ARG D 14 11.26 19.78 2.17
C ARG D 14 11.20 20.60 0.90
N LYS D 15 10.39 21.67 0.92
CA LYS D 15 10.22 22.53 -0.24
C LYS D 15 10.72 23.94 0.06
#